data_7BD6
#
_entry.id   7BD6
#
_cell.length_a   60.550
_cell.length_b   72.740
_cell.length_c   78.650
_cell.angle_alpha   90.000
_cell.angle_beta   90.000
_cell.angle_gamma   90.000
#
_symmetry.space_group_name_H-M   'P 21 21 21'
#
loop_
_entity.id
_entity.type
_entity.pdbx_description
1 polymer 'Palmitoleoyl-protein carboxylesterase NOTUM'
2 non-polymer 'SULFATE ION'
3 non-polymer 2-acetamido-2-deoxy-beta-D-glucopyranose
4 non-polymer 'DIMETHYL SULFOXIDE'
5 non-polymer 1-methyl-5-(phenylamino)-1,2-dihydro-3H-pyrazol-3-one
6 water water
#
_entity_poly.entity_id   1
_entity_poly.type   'polypeptide(L)'
_entity_poly.pdbx_seq_one_letter_code
;ETGSAQQLNEDLRLHLLLNTSVTCNDGSPAGYYLKESRGSRRWLLFLEGGWYCFNRENCDSRYDTMRRLMSSRDWPRTRT
GTGILSSQPEENPYWWNANMVFIPYCSSDVWSGASSKSEKNEYAFMGALIIQEVVRELLGRGLSGAKVLLLAGSSAGGTG
VLLNVDRVAEQLEKLGYPAIQVRGLADSGWFLDNKQYRHTDCVDTITCAPTEAIRRGIRYWNGVVPERCRRQFQEGEEWN
CFFGYKVYPTLRSPVFVVQWLFDEAQLTVDNVHLTGQPVQEGLRLYIQNLGRELRHTLKDVPASFAPACLSHEIIIRSHW
TDVQVKGTSLPRALHCWDRSLHDSHKASKTPLKGCPVHLVDSCPWPHCNPSCPTGTKHHHHHH
;
_entity_poly.pdbx_strand_id   A
#
loop_
_chem_comp.id
_chem_comp.type
_chem_comp.name
_chem_comp.formula
DMS non-polymer 'DIMETHYL SULFOXIDE' 'C2 H6 O S'
JH7 non-polymer 1-methyl-5-(phenylamino)-1,2-dihydro-3H-pyrazol-3-one 'C10 H11 N3 O'
NAG D-saccharide, beta linking 2-acetamido-2-deoxy-beta-D-glucopyranose 'C8 H15 N O6'
SO4 non-polymer 'SULFATE ION' 'O4 S -2'
#
# COMPACT_ATOMS: atom_id res chain seq x y z
N ASP A 11 22.63 -2.69 -3.03
CA ASP A 11 21.78 -1.81 -3.83
C ASP A 11 20.80 -2.64 -4.69
N LEU A 12 19.66 -2.05 -5.03
CA LEU A 12 18.68 -2.66 -5.93
C LEU A 12 18.89 -2.07 -7.33
N ARG A 13 18.92 -2.94 -8.37
CA ARG A 13 19.26 -2.50 -9.73
C ARG A 13 17.99 -2.31 -10.55
N LEU A 14 17.91 -1.21 -11.30
CA LEU A 14 16.74 -0.96 -12.14
C LEU A 14 16.64 -1.90 -13.35
N HIS A 15 15.44 -2.42 -13.61
CA HIS A 15 15.09 -3.05 -14.88
C HIS A 15 13.81 -2.39 -15.40
N LEU A 16 13.87 -1.79 -16.60
CA LEU A 16 12.66 -1.33 -17.28
C LEU A 16 11.95 -2.51 -17.94
N LEU A 17 10.62 -2.48 -17.94
CA LEU A 17 9.85 -3.62 -18.44
C LEU A 17 10.16 -3.88 -19.91
N LEU A 18 10.34 -5.17 -20.23
CA LEU A 18 10.58 -5.60 -21.60
C LEU A 18 9.35 -5.37 -22.47
N ASN A 19 8.14 -5.43 -21.88
CA ASN A 19 6.91 -5.07 -22.57
C ASN A 19 6.73 -3.57 -22.41
N THR A 20 7.24 -2.82 -23.39
CA THR A 20 7.21 -1.36 -23.31
C THR A 20 5.83 -0.76 -23.55
N SER A 21 4.78 -1.57 -23.75
CA SER A 21 3.41 -1.06 -23.78
CA SER A 21 3.42 -1.05 -23.78
C SER A 21 2.80 -0.87 -22.40
N VAL A 22 3.49 -1.29 -21.34
CA VAL A 22 3.02 -1.12 -19.96
C VAL A 22 3.80 0.06 -19.42
N THR A 23 3.13 1.20 -19.28
CA THR A 23 3.82 2.48 -19.14
C THR A 23 3.43 3.24 -17.86
N CYS A 24 4.31 4.17 -17.50
CA CYS A 24 4.02 5.27 -16.58
C CYS A 24 3.02 6.23 -17.23
N ASN A 25 2.63 7.27 -16.48
CA ASN A 25 1.59 8.19 -16.97
C ASN A 25 1.92 8.78 -18.33
N ASP A 26 3.19 9.10 -18.60
CA ASP A 26 3.52 9.86 -19.81
C ASP A 26 3.92 8.94 -20.97
N GLY A 27 3.67 7.63 -20.88
CA GLY A 27 4.03 6.67 -21.91
C GLY A 27 5.44 6.10 -21.83
N SER A 28 6.31 6.62 -20.95
CA SER A 28 7.61 5.99 -20.71
C SER A 28 7.44 4.64 -20.02
N PRO A 29 8.38 3.70 -20.21
CA PRO A 29 8.15 2.35 -19.67
C PRO A 29 8.19 2.35 -18.15
N ALA A 30 7.32 1.55 -17.54
CA ALA A 30 7.38 1.29 -16.10
C ALA A 30 8.53 0.31 -15.81
N GLY A 31 8.72 -0.04 -14.55
CA GLY A 31 9.87 -0.87 -14.22
C GLY A 31 9.87 -1.30 -12.77
N TYR A 32 10.99 -1.91 -12.35
CA TYR A 32 11.20 -2.41 -10.99
C TYR A 32 12.70 -2.41 -10.67
N TYR A 33 13.03 -2.29 -9.38
CA TYR A 33 14.39 -2.44 -8.88
C TYR A 33 14.51 -3.79 -8.17
N LEU A 34 15.60 -4.52 -8.42
CA LEU A 34 15.78 -5.90 -7.95
C LEU A 34 17.14 -6.13 -7.32
N LYS A 35 17.15 -6.82 -6.17
CA LYS A 35 18.36 -7.39 -5.57
C LYS A 35 18.07 -8.86 -5.28
N GLU A 36 18.75 -9.75 -5.98
CA GLU A 36 18.51 -11.18 -5.83
C GLU A 36 19.23 -11.72 -4.60
N SER A 37 18.65 -12.74 -3.99
CA SER A 37 19.29 -13.47 -2.88
C SER A 37 19.29 -14.95 -3.25
N ARG A 38 20.41 -15.45 -3.76
CA ARG A 38 20.37 -16.78 -4.34
C ARG A 38 20.35 -17.86 -3.26
N SER A 40 17.60 -17.96 -1.45
CA SER A 40 16.35 -17.75 -0.73
C SER A 40 15.17 -18.03 -1.62
N ARG A 41 14.12 -18.62 -1.06
CA ARG A 41 12.89 -18.81 -1.80
C ARG A 41 11.80 -17.86 -1.31
N ARG A 42 12.19 -16.75 -0.65
CA ARG A 42 11.28 -15.70 -0.23
C ARG A 42 11.44 -14.46 -1.13
N TRP A 43 10.32 -13.90 -1.57
CA TRP A 43 10.27 -12.74 -2.47
C TRP A 43 9.39 -11.65 -1.86
N LEU A 44 9.95 -10.43 -1.73
CA LEU A 44 9.24 -9.27 -1.21
C LEU A 44 9.09 -8.27 -2.36
N LEU A 45 7.84 -8.04 -2.80
CA LEU A 45 7.55 -7.03 -3.83
C LEU A 45 6.85 -5.84 -3.17
N PHE A 46 7.51 -4.68 -3.16
CA PHE A 46 7.05 -3.51 -2.41
C PHE A 46 6.51 -2.44 -3.36
N LEU A 47 5.26 -2.00 -3.08
CA LEU A 47 4.60 -0.91 -3.81
C LEU A 47 4.82 0.46 -3.16
N GLU A 48 5.48 1.37 -3.90
CA GLU A 48 5.66 2.75 -3.42
C GLU A 48 4.31 3.50 -3.37
N GLY A 49 4.23 4.51 -2.47
CA GLY A 49 3.11 5.41 -2.38
C GLY A 49 3.38 6.81 -2.94
N GLY A 50 2.38 7.70 -2.75
CA GLY A 50 2.51 9.10 -3.15
C GLY A 50 1.26 9.78 -3.70
N TRP A 51 0.12 9.66 -3.00
CA TRP A 51 -1.18 10.28 -3.33
C TRP A 51 -1.63 9.80 -4.73
N TYR A 52 -2.32 10.65 -5.49
CA TYR A 52 -2.91 10.30 -6.78
C TYR A 52 -3.35 11.60 -7.45
N CYS A 53 -3.73 11.50 -8.75
CA CYS A 53 -4.40 12.61 -9.45
C CYS A 53 -5.61 12.05 -10.21
N PHE A 54 -6.61 12.92 -10.51
CA PHE A 54 -7.88 12.37 -10.96
C PHE A 54 -8.55 13.20 -12.05
N ASN A 55 -7.89 14.24 -12.58
CA ASN A 55 -8.40 14.94 -13.76
C ASN A 55 -7.23 15.59 -14.49
N ARG A 56 -7.52 16.19 -15.64
CA ARG A 56 -6.47 16.78 -16.45
C ARG A 56 -5.68 17.82 -15.67
N GLU A 57 -6.40 18.74 -15.02
CA GLU A 57 -5.74 19.89 -14.42
C GLU A 57 -4.81 19.47 -13.27
N ASN A 58 -5.27 18.60 -12.37
CA ASN A 58 -4.39 18.23 -11.25
C ASN A 58 -3.34 17.17 -11.61
N CYS A 59 -3.56 16.39 -12.68
CA CYS A 59 -2.46 15.58 -13.23
C CYS A 59 -1.41 16.44 -13.93
N ASP A 60 -1.82 17.49 -14.66
CA ASP A 60 -0.85 18.41 -15.28
C ASP A 60 0.04 19.06 -14.22
N SER A 61 -0.55 19.51 -13.12
N SER A 61 -0.54 19.50 -13.11
CA SER A 61 0.20 20.13 -12.03
CA SER A 61 0.26 20.14 -12.07
C SER A 61 1.20 19.14 -11.46
C SER A 61 1.22 19.14 -11.45
N ARG A 62 0.76 17.91 -11.19
CA ARG A 62 1.64 16.86 -10.66
C ARG A 62 2.80 16.57 -11.61
N TYR A 63 2.57 16.67 -12.93
CA TYR A 63 3.62 16.38 -13.90
C TYR A 63 4.76 17.38 -13.82
N ASP A 64 4.50 18.58 -13.34
CA ASP A 64 5.59 19.55 -13.30
C ASP A 64 6.44 19.51 -12.03
N THR A 65 5.88 19.10 -10.90
CA THR A 65 6.63 19.16 -9.66
C THR A 65 6.75 17.81 -8.96
N MET A 66 6.19 16.74 -9.54
CA MET A 66 6.28 15.37 -9.00
C MET A 66 6.50 14.40 -10.14
N ARG A 67 7.44 14.75 -11.03
CA ARG A 67 7.54 14.04 -12.30
C ARG A 67 8.01 12.59 -12.16
N ARG A 68 8.87 12.31 -11.18
CA ARG A 68 9.29 10.91 -10.97
C ARG A 68 8.12 10.01 -10.62
N LEU A 69 7.01 10.58 -10.11
CA LEU A 69 5.77 9.84 -9.85
C LEU A 69 4.87 9.74 -11.08
N MET A 70 5.34 10.22 -12.26
CA MET A 70 4.56 10.12 -13.49
C MET A 70 5.37 9.65 -14.70
N SER A 71 6.64 9.28 -14.54
CA SER A 71 7.58 9.13 -15.65
C SER A 71 8.83 8.40 -15.15
N SER A 72 9.38 7.49 -15.99
CA SER A 72 10.65 6.83 -15.72
C SER A 72 11.85 7.53 -16.36
N ARG A 73 11.65 8.67 -17.06
CA ARG A 73 12.73 9.23 -17.86
C ARG A 73 13.94 9.64 -17.02
N ASP A 74 13.71 9.99 -15.74
CA ASP A 74 14.74 10.51 -14.85
C ASP A 74 15.12 9.55 -13.70
N TRP A 75 14.67 8.30 -13.74
CA TRP A 75 14.96 7.38 -12.63
C TRP A 75 16.46 7.05 -12.56
N PRO A 76 17.01 6.89 -11.36
CA PRO A 76 18.40 6.44 -11.22
C PRO A 76 18.56 4.95 -11.54
N ARG A 77 19.82 4.57 -11.86
CA ARG A 77 20.11 3.19 -12.23
C ARG A 77 20.04 2.24 -11.05
N THR A 78 20.19 2.76 -9.82
CA THR A 78 20.12 1.93 -8.62
C THR A 78 19.40 2.67 -7.51
N ARG A 79 19.01 1.92 -6.48
CA ARG A 79 18.46 2.45 -5.23
C ARG A 79 18.98 1.61 -4.07
N THR A 80 18.98 2.21 -2.88
CA THR A 80 19.37 1.53 -1.64
C THR A 80 18.12 1.04 -0.93
N GLY A 81 18.12 -0.24 -0.55
CA GLY A 81 17.00 -0.78 0.21
C GLY A 81 17.08 -0.39 1.68
N THR A 82 15.95 0.07 2.23
CA THR A 82 15.89 0.57 3.60
C THR A 82 14.71 -0.06 4.34
N GLY A 83 14.81 -0.09 5.68
CA GLY A 83 13.78 -0.74 6.50
C GLY A 83 13.54 -2.18 6.13
N ILE A 84 12.28 -2.55 5.88
CA ILE A 84 12.00 -3.94 5.48
C ILE A 84 12.62 -4.32 4.14
N LEU A 85 13.08 -3.33 3.35
CA LEU A 85 13.85 -3.64 2.12
C LEU A 85 15.36 -3.69 2.34
N SER A 86 15.84 -3.54 3.58
CA SER A 86 17.28 -3.67 3.85
C SER A 86 17.69 -5.14 3.85
N SER A 87 18.90 -5.42 3.33
CA SER A 87 19.55 -6.73 3.39
C SER A 87 20.45 -6.91 4.61
N GLN A 88 20.47 -5.95 5.53
CA GLN A 88 21.33 -6.06 6.72
C GLN A 88 20.49 -6.47 7.92
N PRO A 89 20.81 -7.58 8.61
CA PRO A 89 19.97 -8.00 9.74
C PRO A 89 19.85 -6.95 10.86
N GLU A 90 20.88 -6.11 11.02
CA GLU A 90 20.84 -5.04 12.02
C GLU A 90 19.66 -4.10 11.77
N GLU A 91 19.37 -3.80 10.50
CA GLU A 91 18.26 -2.90 10.15
C GLU A 91 16.94 -3.63 9.91
N ASN A 92 16.99 -4.90 9.50
CA ASN A 92 15.80 -5.67 9.09
C ASN A 92 15.87 -7.02 9.78
N PRO A 93 15.39 -7.14 11.01
CA PRO A 93 15.38 -8.46 11.68
C PRO A 93 14.45 -9.47 11.01
N TYR A 94 13.48 -9.01 10.20
CA TYR A 94 12.43 -9.87 9.65
C TYR A 94 12.89 -10.68 8.43
N TRP A 95 13.14 -10.03 7.30
CA TRP A 95 13.37 -10.72 6.02
C TRP A 95 14.65 -10.24 5.33
N TRP A 96 15.75 -10.05 6.09
CA TRP A 96 16.96 -9.47 5.51
C TRP A 96 17.56 -10.32 4.39
N ASN A 97 17.33 -11.63 4.38
CA ASN A 97 17.92 -12.50 3.36
C ASN A 97 16.98 -12.79 2.18
N ALA A 98 15.88 -12.05 2.05
CA ALA A 98 14.92 -12.29 0.98
C ALA A 98 15.39 -11.68 -0.35
N ASN A 99 14.80 -12.18 -1.44
CA ASN A 99 14.86 -11.44 -2.71
C ASN A 99 14.01 -10.18 -2.57
N MET A 100 14.60 -9.03 -2.94
CA MET A 100 14.01 -7.71 -2.71
C MET A 100 13.60 -7.04 -4.03
N VAL A 101 12.35 -6.54 -4.12
CA VAL A 101 11.87 -5.83 -5.31
C VAL A 101 11.14 -4.55 -4.88
N PHE A 102 11.56 -3.42 -5.44
CA PHE A 102 10.90 -2.11 -5.22
C PHE A 102 10.26 -1.71 -6.55
N ILE A 103 8.95 -1.53 -6.55
CA ILE A 103 8.21 -1.11 -7.74
C ILE A 103 7.84 0.37 -7.59
N PRO A 104 8.47 1.27 -8.36
CA PRO A 104 8.10 2.69 -8.28
C PRO A 104 6.67 2.95 -8.72
N TYR A 105 6.07 3.91 -8.04
CA TYR A 105 4.70 4.35 -8.30
C TYR A 105 4.77 5.46 -9.34
N CYS A 106 4.43 5.15 -10.60
CA CYS A 106 4.42 6.19 -11.64
C CYS A 106 3.10 6.23 -12.40
N SER A 107 2.00 5.74 -11.78
CA SER A 107 0.71 5.68 -12.45
C SER A 107 -0.39 6.55 -11.80
N SER A 108 -0.15 7.12 -10.61
CA SER A 108 -1.03 8.11 -9.98
C SER A 108 -2.47 7.64 -9.82
N ASP A 109 -2.70 6.31 -9.71
CA ASP A 109 -4.04 5.72 -9.76
C ASP A 109 -4.30 4.78 -8.59
N VAL A 110 -3.55 4.91 -7.49
CA VAL A 110 -3.65 4.01 -6.34
C VAL A 110 -3.45 2.56 -6.78
N TRP A 111 -2.63 2.35 -7.83
CA TRP A 111 -2.32 1.02 -8.37
C TRP A 111 -3.54 0.29 -8.93
N SER A 112 -4.57 1.03 -9.40
CA SER A 112 -5.82 0.42 -9.88
C SER A 112 -6.06 0.52 -11.39
N GLY A 113 -5.27 1.29 -12.13
CA GLY A 113 -5.66 1.64 -13.49
C GLY A 113 -5.38 0.56 -14.52
N ALA A 114 -6.17 0.58 -15.60
CA ALA A 114 -5.94 -0.28 -16.77
C ALA A 114 -6.33 0.47 -18.05
N SER A 115 -5.61 1.56 -18.34
N SER A 115 -5.64 1.58 -18.33
CA SER A 115 -5.90 2.43 -19.49
CA SER A 115 -5.90 2.37 -19.53
C SER A 115 -4.60 2.95 -20.09
C SER A 115 -4.60 2.93 -20.09
N SER A 116 -4.45 2.86 -21.41
CA SER A 116 -3.27 3.34 -22.12
C SER A 116 -3.45 4.78 -22.61
N LYS A 117 -2.32 5.48 -22.77
CA LYS A 117 -2.31 6.75 -23.51
C LYS A 117 -2.71 6.52 -24.97
N SER A 118 -3.53 7.43 -25.51
CA SER A 118 -4.12 7.19 -26.83
C SER A 118 -4.59 8.53 -27.38
N GLU A 119 -5.27 8.49 -28.53
CA GLU A 119 -5.82 9.72 -29.08
C GLU A 119 -6.88 10.33 -28.18
N LYS A 120 -7.51 9.55 -27.29
CA LYS A 120 -8.55 10.03 -26.40
C LYS A 120 -8.06 10.28 -24.96
N ASN A 121 -6.87 9.77 -24.58
CA ASN A 121 -6.38 9.81 -23.21
C ASN A 121 -5.02 10.49 -23.18
N GLU A 122 -4.90 11.64 -22.48
CA GLU A 122 -3.62 12.35 -22.41
C GLU A 122 -2.58 11.57 -21.60
N TYR A 123 -3.02 10.88 -20.55
CA TYR A 123 -2.15 10.08 -19.69
C TYR A 123 -2.58 8.61 -19.72
N ALA A 124 -1.62 7.72 -19.48
CA ALA A 124 -1.87 6.30 -19.25
C ALA A 124 -1.98 6.07 -17.75
N PHE A 125 -2.94 5.23 -17.34
CA PHE A 125 -3.11 4.84 -15.93
C PHE A 125 -3.09 3.31 -15.90
N MET A 126 -1.92 2.73 -15.62
CA MET A 126 -1.71 1.30 -15.81
C MET A 126 -1.24 0.57 -14.55
N GLY A 127 -1.51 1.14 -13.37
CA GLY A 127 -1.01 0.54 -12.12
C GLY A 127 -1.32 -0.94 -11.92
N ALA A 128 -2.57 -1.37 -12.20
CA ALA A 128 -2.89 -2.80 -12.04
C ALA A 128 -2.12 -3.69 -13.02
N LEU A 129 -1.87 -3.18 -14.22
CA LEU A 129 -1.14 -3.93 -15.24
C LEU A 129 0.36 -3.90 -14.99
N ILE A 130 0.89 -2.82 -14.40
CA ILE A 130 2.30 -2.77 -14.02
C ILE A 130 2.63 -3.92 -13.06
N ILE A 131 1.80 -4.12 -12.02
CA ILE A 131 2.05 -5.20 -11.05
C ILE A 131 2.06 -6.56 -11.75
N GLN A 132 1.07 -6.79 -12.63
CA GLN A 132 0.99 -8.07 -13.35
C GLN A 132 2.20 -8.32 -14.25
N GLU A 133 2.68 -7.27 -14.94
CA GLU A 133 3.82 -7.42 -15.83
C GLU A 133 5.12 -7.62 -15.06
N VAL A 134 5.27 -6.93 -13.91
CA VAL A 134 6.43 -7.16 -13.04
C VAL A 134 6.49 -8.62 -12.59
N VAL A 135 5.37 -9.14 -12.07
CA VAL A 135 5.33 -10.55 -11.65
C VAL A 135 5.69 -11.47 -12.80
N ARG A 136 5.09 -11.27 -13.97
CA ARG A 136 5.36 -12.14 -15.11
C ARG A 136 6.85 -12.13 -15.49
N GLU A 137 7.46 -10.94 -15.56
CA GLU A 137 8.87 -10.89 -15.93
C GLU A 137 9.78 -11.47 -14.84
N LEU A 138 9.39 -11.40 -13.55
CA LEU A 138 10.22 -11.96 -12.49
C LEU A 138 10.21 -13.49 -12.47
N LEU A 139 9.13 -14.11 -12.97
CA LEU A 139 9.09 -15.58 -13.01
C LEU A 139 10.26 -16.18 -13.77
N GLY A 140 10.76 -15.49 -14.82
CA GLY A 140 11.96 -15.92 -15.52
C GLY A 140 13.30 -15.59 -14.86
N ARG A 141 13.29 -14.81 -13.78
CA ARG A 141 14.50 -14.47 -13.02
C ARG A 141 14.52 -15.09 -11.63
N GLY A 142 13.81 -16.21 -11.41
CA GLY A 142 13.87 -16.92 -10.15
C GLY A 142 12.57 -16.97 -9.36
N LEU A 143 11.60 -16.09 -9.66
CA LEU A 143 10.34 -16.15 -8.91
C LEU A 143 9.62 -17.48 -9.11
N SER A 144 9.87 -18.19 -10.22
CA SER A 144 9.27 -19.52 -10.42
C SER A 144 9.62 -20.51 -9.30
N GLY A 145 10.75 -20.30 -8.62
CA GLY A 145 11.11 -21.19 -7.52
C GLY A 145 10.67 -20.76 -6.14
N ALA A 146 9.85 -19.72 -6.00
CA ALA A 146 9.54 -19.14 -4.71
C ALA A 146 8.63 -20.03 -3.86
N LYS A 147 8.76 -19.91 -2.53
CA LYS A 147 7.78 -20.49 -1.62
C LYS A 147 6.77 -19.49 -1.10
N VAL A 148 7.17 -18.22 -0.90
CA VAL A 148 6.28 -17.16 -0.44
C VAL A 148 6.57 -15.90 -1.25
N LEU A 149 5.51 -15.25 -1.70
CA LEU A 149 5.59 -13.93 -2.35
C LEU A 149 4.77 -13.00 -1.47
N LEU A 150 5.46 -12.04 -0.80
CA LEU A 150 4.80 -11.05 0.05
C LEU A 150 4.66 -9.75 -0.75
N LEU A 151 3.43 -9.36 -1.03
CA LEU A 151 3.15 -8.10 -1.71
C LEU A 151 2.93 -7.05 -0.62
N ALA A 152 3.91 -6.16 -0.48
CA ALA A 152 3.87 -5.11 0.52
C ALA A 152 3.73 -3.74 -0.17
N GLY A 153 3.40 -2.74 0.64
CA GLY A 153 3.21 -1.36 0.16
C GLY A 153 2.90 -0.34 1.24
N SER A 154 3.28 0.93 1.02
CA SER A 154 3.03 2.01 1.98
C SER A 154 2.17 3.12 1.36
N SER A 155 1.21 3.61 2.15
CA SER A 155 0.34 4.76 1.82
CA SER A 155 0.35 4.76 1.81
C SER A 155 -0.48 4.38 0.59
N ALA A 156 -0.39 5.09 -0.55
CA ALA A 156 -1.13 4.62 -1.73
C ALA A 156 -0.76 3.18 -2.10
N GLY A 157 0.49 2.78 -1.84
CA GLY A 157 0.89 1.41 -2.14
C GLY A 157 0.29 0.39 -1.20
N GLY A 158 -0.01 0.81 0.05
CA GLY A 158 -0.72 -0.05 0.99
C GLY A 158 -2.16 -0.29 0.57
N THR A 159 -2.86 0.76 0.11
CA THR A 159 -4.16 0.50 -0.50
C THR A 159 -4.02 -0.37 -1.75
N GLY A 160 -2.97 -0.13 -2.56
CA GLY A 160 -2.66 -1.00 -3.70
C GLY A 160 -2.53 -2.49 -3.35
N VAL A 161 -1.92 -2.80 -2.22
CA VAL A 161 -1.85 -4.21 -1.79
C VAL A 161 -3.26 -4.80 -1.68
N LEU A 162 -4.14 -4.08 -0.98
CA LEU A 162 -5.51 -4.58 -0.77
C LEU A 162 -6.24 -4.77 -2.10
N LEU A 163 -6.03 -3.86 -3.06
CA LEU A 163 -6.69 -3.97 -4.38
C LEU A 163 -6.12 -5.07 -5.28
N ASN A 164 -4.86 -5.48 -5.09
CA ASN A 164 -4.18 -6.35 -6.06
C ASN A 164 -3.70 -7.71 -5.54
N VAL A 165 -3.65 -7.96 -4.23
CA VAL A 165 -3.01 -9.21 -3.76
C VAL A 165 -3.76 -10.46 -4.28
N ASP A 166 -5.10 -10.44 -4.30
CA ASP A 166 -5.79 -11.63 -4.83
C ASP A 166 -5.63 -11.77 -6.35
N ARG A 167 -5.44 -10.65 -7.07
CA ARG A 167 -5.19 -10.77 -8.50
C ARG A 167 -3.83 -11.39 -8.81
N VAL A 168 -2.80 -11.10 -8.00
CA VAL A 168 -1.51 -11.77 -8.15
C VAL A 168 -1.64 -13.26 -7.86
N ALA A 169 -2.39 -13.61 -6.80
CA ALA A 169 -2.61 -15.03 -6.52
C ALA A 169 -3.29 -15.74 -7.69
N GLU A 170 -4.30 -15.09 -8.30
CA GLU A 170 -5.01 -15.69 -9.42
C GLU A 170 -4.10 -15.81 -10.65
N GLN A 171 -3.27 -14.80 -10.90
CA GLN A 171 -2.36 -14.81 -12.04
C GLN A 171 -1.38 -15.98 -11.93
N LEU A 172 -0.83 -16.21 -10.72
CA LEU A 172 0.14 -17.29 -10.57
C LEU A 172 -0.53 -18.66 -10.67
N GLU A 173 -1.77 -18.77 -10.20
CA GLU A 173 -2.53 -20.02 -10.34
C GLU A 173 -2.77 -20.36 -11.80
N LYS A 174 -3.10 -19.34 -12.62
CA LYS A 174 -3.42 -19.55 -14.04
C LYS A 174 -2.18 -19.73 -14.92
N LEU A 175 -1.01 -19.31 -14.46
CA LEU A 175 0.23 -19.55 -15.19
C LEU A 175 0.87 -20.89 -14.83
N GLY A 176 0.33 -21.60 -13.86
CA GLY A 176 0.81 -22.92 -13.48
C GLY A 176 1.76 -22.97 -12.30
N TYR A 177 1.66 -22.03 -11.35
CA TYR A 177 2.53 -21.97 -10.18
C TYR A 177 1.67 -21.99 -8.91
N PRO A 178 0.96 -23.09 -8.65
CA PRO A 178 0.07 -23.14 -7.49
C PRO A 178 0.79 -23.23 -6.14
N ALA A 179 2.08 -23.56 -6.11
CA ALA A 179 2.80 -23.74 -4.85
C ALA A 179 3.39 -22.45 -4.27
N ILE A 180 3.27 -21.33 -4.97
CA ILE A 180 3.74 -20.06 -4.40
C ILE A 180 2.63 -19.51 -3.52
N GLN A 181 2.90 -19.37 -2.22
CA GLN A 181 1.95 -18.74 -1.30
C GLN A 181 2.02 -17.21 -1.40
N VAL A 182 0.93 -16.58 -1.85
CA VAL A 182 0.83 -15.11 -1.96
C VAL A 182 0.20 -14.53 -0.70
N ARG A 183 0.83 -13.51 -0.11
CA ARG A 183 0.37 -12.83 1.10
C ARG A 183 0.50 -11.33 0.89
N GLY A 184 -0.18 -10.54 1.71
CA GLY A 184 -0.12 -9.10 1.60
C GLY A 184 0.22 -8.41 2.91
N LEU A 185 0.92 -7.29 2.79
CA LEU A 185 1.32 -6.44 3.93
C LEU A 185 0.98 -4.99 3.58
N ALA A 186 -0.11 -4.48 4.13
CA ALA A 186 -0.66 -3.16 3.80
C ALA A 186 -0.32 -2.15 4.92
N ASP A 187 0.59 -1.21 4.62
CA ASP A 187 1.05 -0.21 5.59
C ASP A 187 0.47 1.16 5.24
N SER A 188 -0.22 1.76 6.21
CA SER A 188 -0.76 3.13 6.12
C SER A 188 -1.71 3.32 4.92
N GLY A 189 -2.44 2.26 4.55
CA GLY A 189 -3.41 2.35 3.47
C GLY A 189 -4.83 2.00 3.89
N TRP A 190 -5.12 2.09 5.20
CA TRP A 190 -6.40 1.69 5.79
C TRP A 190 -7.14 2.97 6.25
N PHE A 191 -7.95 3.55 5.36
CA PHE A 191 -8.63 4.83 5.55
C PHE A 191 -10.11 4.67 5.89
N LEU A 192 -10.67 5.71 6.53
CA LEU A 192 -12.09 5.74 6.90
C LEU A 192 -12.79 6.80 6.07
N ASP A 193 -13.97 6.46 5.53
CA ASP A 193 -14.83 7.44 4.85
C ASP A 193 -15.75 8.09 5.88
N ASN A 194 -15.11 8.77 6.84
CA ASN A 194 -15.77 9.34 8.01
C ASN A 194 -16.25 10.77 7.79
N LYS A 195 -17.02 11.25 8.76
CA LYS A 195 -17.37 12.67 8.87
C LYS A 195 -16.11 13.51 9.03
N GLN A 196 -16.00 14.56 8.24
CA GLN A 196 -14.87 15.47 8.34
C GLN A 196 -15.05 16.51 9.45
N TYR A 197 -13.92 17.07 9.91
CA TYR A 197 -13.98 18.00 11.03
C TYR A 197 -14.54 19.35 10.58
N ARG A 198 -14.17 19.79 9.36
CA ARG A 198 -14.83 20.89 8.64
C ARG A 198 -15.18 20.44 7.22
N HIS A 199 -16.29 20.98 6.68
CA HIS A 199 -16.95 20.46 5.48
C HIS A 199 -16.77 21.39 4.27
N THR A 200 -16.45 20.79 3.11
CA THR A 200 -16.30 21.51 1.84
C THR A 200 -16.89 20.68 0.71
N ASP A 201 -17.76 21.28 -0.09
CA ASP A 201 -18.22 20.58 -1.30
C ASP A 201 -17.08 20.43 -2.30
N CYS A 202 -17.15 19.37 -3.10
CA CYS A 202 -16.14 19.11 -4.12
C CYS A 202 -16.25 20.08 -5.30
N ASP A 204 -13.15 21.69 -6.54
CA ASP A 204 -11.76 21.77 -6.97
C ASP A 204 -10.96 20.66 -6.29
N THR A 205 -9.63 20.68 -6.47
CA THR A 205 -8.85 19.55 -5.96
C THR A 205 -8.81 19.53 -4.44
N ILE A 206 -8.53 20.68 -3.81
CA ILE A 206 -8.29 20.64 -2.37
C ILE A 206 -9.56 20.50 -1.55
N THR A 207 -10.73 20.85 -2.12
CA THR A 207 -12.00 20.69 -1.41
C THR A 207 -12.67 19.34 -1.63
N CYS A 208 -12.14 18.48 -2.50
CA CYS A 208 -12.81 17.23 -2.89
C CYS A 208 -12.46 16.10 -1.93
N ALA A 209 -13.45 15.64 -1.15
CA ALA A 209 -13.28 14.52 -0.23
C ALA A 209 -12.87 13.24 -0.95
N PRO A 210 -12.13 12.34 -0.27
CA PRO A 210 -11.66 11.12 -0.96
C PRO A 210 -12.77 10.31 -1.61
N THR A 211 -13.95 10.19 -1.01
CA THR A 211 -14.98 9.42 -1.67
C THR A 211 -15.31 10.01 -3.04
N GLU A 212 -15.46 11.33 -3.13
CA GLU A 212 -15.78 11.94 -4.42
C GLU A 212 -14.60 11.90 -5.37
N ALA A 213 -13.39 12.13 -4.84
CA ALA A 213 -12.20 12.13 -5.71
C ALA A 213 -11.95 10.74 -6.29
N ILE A 214 -12.12 9.68 -5.47
CA ILE A 214 -11.92 8.32 -5.96
C ILE A 214 -13.02 7.93 -6.95
N ARG A 215 -14.28 8.31 -6.70
CA ARG A 215 -15.33 8.05 -7.70
C ARG A 215 -14.95 8.63 -9.06
N ARG A 216 -14.44 9.87 -9.08
CA ARG A 216 -14.06 10.48 -10.36
C ARG A 216 -12.82 9.80 -10.94
N GLY A 217 -11.84 9.51 -10.08
CA GLY A 217 -10.62 8.83 -10.52
C GLY A 217 -10.89 7.52 -11.21
N ILE A 218 -11.75 6.68 -10.63
CA ILE A 218 -12.00 5.36 -11.24
C ILE A 218 -12.43 5.51 -12.70
N ARG A 219 -13.30 6.49 -12.98
CA ARG A 219 -13.73 6.72 -14.36
C ARG A 219 -12.56 7.21 -15.22
N TYR A 220 -11.72 8.09 -14.66
CA TYR A 220 -10.61 8.69 -15.43
C TYR A 220 -9.51 7.67 -15.70
N TRP A 221 -9.35 6.70 -14.81
CA TRP A 221 -8.27 5.73 -14.90
C TRP A 221 -8.68 4.44 -15.58
N ASN A 222 -9.97 4.20 -15.77
CA ASN A 222 -10.50 2.85 -15.94
C ASN A 222 -10.01 1.94 -14.79
N GLY A 223 -10.35 2.35 -13.57
CA GLY A 223 -9.88 1.64 -12.38
C GLY A 223 -10.56 0.30 -12.18
N VAL A 224 -9.82 -0.66 -11.63
CA VAL A 224 -10.33 -2.01 -11.41
C VAL A 224 -10.16 -2.33 -9.92
N VAL A 225 -11.13 -3.07 -9.38
CA VAL A 225 -11.15 -3.45 -7.96
C VAL A 225 -11.26 -4.98 -7.85
N PRO A 226 -11.03 -5.58 -6.68
CA PRO A 226 -11.20 -7.05 -6.56
C PRO A 226 -12.61 -7.50 -6.91
N GLU A 227 -12.70 -8.64 -7.61
CA GLU A 227 -13.99 -9.09 -8.16
C GLU A 227 -15.05 -9.36 -7.08
N ARG A 228 -14.69 -9.96 -5.94
CA ARG A 228 -15.73 -10.26 -4.95
C ARG A 228 -16.24 -8.99 -4.29
N CYS A 229 -15.38 -7.97 -4.16
CA CYS A 229 -15.85 -6.65 -3.68
C CYS A 229 -16.71 -5.95 -4.74
N ARG A 230 -16.31 -6.04 -6.02
CA ARG A 230 -17.09 -5.41 -7.08
C ARG A 230 -18.49 -6.01 -7.13
N ARG A 231 -18.61 -7.33 -6.89
CA ARG A 231 -19.93 -7.95 -6.96
C ARG A 231 -20.85 -7.52 -5.83
N GLN A 232 -20.26 -7.18 -4.66
CA GLN A 232 -21.06 -6.66 -3.54
C GLN A 232 -21.60 -5.26 -3.83
N PHE A 233 -20.73 -4.33 -4.19
CA PHE A 233 -21.14 -2.92 -4.29
C PHE A 233 -21.72 -2.55 -5.65
N GLN A 234 -21.32 -3.26 -6.71
CA GLN A 234 -21.86 -3.14 -8.07
C GLN A 234 -21.59 -1.80 -8.77
N GLU A 235 -22.21 -1.63 -9.93
CA GLU A 235 -21.81 -0.58 -10.88
C GLU A 235 -22.01 0.81 -10.29
N GLY A 236 -20.98 1.65 -10.44
CA GLY A 236 -21.00 2.98 -9.91
C GLY A 236 -20.55 3.12 -8.47
N GLU A 237 -20.45 2.01 -7.74
CA GLU A 237 -20.11 2.06 -6.33
C GLU A 237 -18.76 1.40 -6.01
N GLU A 238 -17.91 1.23 -7.03
CA GLU A 238 -16.62 0.57 -6.84
C GLU A 238 -15.68 1.36 -5.91
N TRP A 239 -15.89 2.67 -5.77
CA TRP A 239 -15.10 3.47 -4.82
C TRP A 239 -15.08 2.85 -3.41
N ASN A 240 -16.15 2.14 -3.01
CA ASN A 240 -16.17 1.50 -1.69
C ASN A 240 -15.00 0.56 -1.49
N CYS A 241 -14.52 -0.08 -2.57
CA CYS A 241 -13.47 -1.09 -2.42
C CYS A 241 -12.09 -0.49 -2.17
N PHE A 242 -11.95 0.84 -2.26
CA PHE A 242 -10.70 1.50 -1.89
C PHE A 242 -10.59 1.71 -0.39
N PHE A 243 -11.64 1.38 0.38
CA PHE A 243 -11.62 1.56 1.84
C PHE A 243 -11.41 0.22 2.53
N GLY A 244 -10.30 0.12 3.26
CA GLY A 244 -9.82 -1.17 3.76
C GLY A 244 -10.85 -2.00 4.50
N TYR A 245 -11.59 -1.38 5.42
CA TYR A 245 -12.52 -2.18 6.23
C TYR A 245 -13.65 -2.78 5.39
N LYS A 246 -13.90 -2.24 4.19
CA LYS A 246 -14.88 -2.75 3.24
C LYS A 246 -14.33 -3.80 2.28
N VAL A 247 -13.09 -3.67 1.83
CA VAL A 247 -12.52 -4.63 0.88
C VAL A 247 -11.89 -5.86 1.59
N TYR A 248 -11.27 -5.65 2.77
CA TYR A 248 -10.58 -6.73 3.50
C TYR A 248 -11.43 -7.98 3.68
N PRO A 249 -12.70 -7.91 4.12
CA PRO A 249 -13.48 -9.16 4.32
C PRO A 249 -13.75 -9.92 3.03
N THR A 250 -13.49 -9.33 1.85
CA THR A 250 -13.72 -10.02 0.57
C THR A 250 -12.48 -10.74 0.06
N LEU A 251 -11.35 -10.57 0.72
CA LEU A 251 -10.07 -11.09 0.23
C LEU A 251 -9.84 -12.50 0.75
N ARG A 252 -9.17 -13.31 -0.09
CA ARG A 252 -8.84 -14.69 0.33
C ARG A 252 -7.41 -14.85 0.80
N SER A 253 -6.48 -14.04 0.28
CA SER A 253 -5.08 -14.13 0.67
C SER A 253 -4.88 -13.56 2.08
N PRO A 254 -4.00 -14.12 2.90
CA PRO A 254 -3.71 -13.54 4.23
C PRO A 254 -3.08 -12.17 4.10
N VAL A 255 -3.64 -11.18 4.82
CA VAL A 255 -3.14 -9.79 4.77
C VAL A 255 -2.85 -9.29 6.19
N PHE A 256 -1.62 -8.81 6.42
CA PHE A 256 -1.25 -8.14 7.66
C PHE A 256 -1.45 -6.62 7.48
N VAL A 257 -2.13 -5.96 8.41
CA VAL A 257 -2.49 -4.54 8.31
C VAL A 257 -1.70 -3.72 9.33
N VAL A 258 -0.92 -2.75 8.87
CA VAL A 258 -0.19 -1.79 9.70
C VAL A 258 -0.83 -0.43 9.52
N GLN A 259 -1.26 0.21 10.61
CA GLN A 259 -1.95 1.50 10.50
C GLN A 259 -1.79 2.31 11.79
N TRP A 260 -1.21 3.52 11.71
CA TRP A 260 -1.30 4.46 12.82
C TRP A 260 -2.76 4.76 13.15
N LEU A 261 -3.07 4.85 14.46
CA LEU A 261 -4.44 5.20 14.83
C LEU A 261 -4.78 6.63 14.45
N PHE A 262 -3.78 7.51 14.43
CA PHE A 262 -4.02 8.93 14.09
C PHE A 262 -3.15 9.29 12.89
N ASP A 263 -3.43 8.68 11.74
CA ASP A 263 -2.60 8.82 10.55
C ASP A 263 -2.66 10.26 10.02
N GLU A 264 -1.51 10.85 9.71
CA GLU A 264 -1.49 12.25 9.29
C GLU A 264 -2.24 12.48 7.97
N ALA A 265 -2.25 11.48 7.08
CA ALA A 265 -2.98 11.68 5.82
C ALA A 265 -4.49 11.64 6.05
N GLN A 266 -4.95 10.73 6.93
CA GLN A 266 -6.36 10.70 7.31
C GLN A 266 -6.80 12.04 7.93
N LEU A 267 -5.99 12.57 8.85
CA LEU A 267 -6.38 13.83 9.47
C LEU A 267 -6.38 14.96 8.44
N THR A 268 -5.46 14.95 7.48
CA THR A 268 -5.44 16.01 6.46
C THR A 268 -6.71 15.98 5.61
N VAL A 269 -7.13 14.80 5.15
CA VAL A 269 -8.35 14.76 4.36
C VAL A 269 -9.58 15.03 5.21
N ASP A 270 -9.47 14.91 6.54
CA ASP A 270 -10.54 15.32 7.45
C ASP A 270 -10.52 16.81 7.77
N ASN A 271 -9.65 17.57 7.12
CA ASN A 271 -9.53 19.02 7.31
C ASN A 271 -9.15 19.36 8.75
N VAL A 272 -8.24 18.53 9.32
CA VAL A 272 -7.64 18.78 10.63
C VAL A 272 -6.18 19.17 10.41
N HIS A 273 -5.75 20.26 11.01
CA HIS A 273 -4.35 20.69 10.88
C HIS A 273 -3.72 20.99 12.24
N VAL A 279 -5.57 22.54 21.67
CA VAL A 279 -6.71 21.77 21.16
C VAL A 279 -7.92 22.00 22.07
N GLN A 280 -9.00 22.54 21.50
CA GLN A 280 -10.22 22.78 22.25
C GLN A 280 -11.10 21.53 22.28
N GLU A 281 -12.22 21.60 23.02
CA GLU A 281 -13.01 20.42 23.32
C GLU A 281 -13.56 19.73 22.08
N GLY A 282 -14.10 20.51 21.13
CA GLY A 282 -14.66 19.89 19.94
C GLY A 282 -13.65 19.07 19.17
N LEU A 283 -12.43 19.59 18.99
CA LEU A 283 -11.40 18.88 18.24
C LEU A 283 -10.85 17.70 19.04
N ARG A 284 -10.72 17.85 20.37
CA ARG A 284 -10.30 16.73 21.22
C ARG A 284 -11.23 15.54 21.03
N LEU A 285 -12.54 15.77 21.15
CA LEU A 285 -13.48 14.68 20.97
C LEU A 285 -13.39 14.10 19.56
N TYR A 286 -13.22 14.96 18.54
CA TYR A 286 -13.09 14.46 17.16
C TYR A 286 -11.90 13.50 17.03
N ILE A 287 -10.73 13.92 17.52
CA ILE A 287 -9.53 13.08 17.44
C ILE A 287 -9.71 11.79 18.24
N GLN A 288 -10.28 11.88 19.45
CA GLN A 288 -10.43 10.65 20.23
C GLN A 288 -11.40 9.68 19.55
N ASN A 289 -12.49 10.20 18.98
CA ASN A 289 -13.43 9.36 18.26
C ASN A 289 -12.81 8.73 17.01
N LEU A 290 -11.91 9.44 16.32
CA LEU A 290 -11.23 8.84 15.17
C LEU A 290 -10.39 7.62 15.59
N GLY A 291 -9.60 7.77 16.66
CA GLY A 291 -8.85 6.63 17.20
C GLY A 291 -9.74 5.45 17.55
N ARG A 292 -10.87 5.71 18.24
CA ARG A 292 -11.78 4.63 18.62
C ARG A 292 -12.38 3.96 17.39
N GLU A 293 -12.78 4.76 16.39
CA GLU A 293 -13.33 4.17 15.16
C GLU A 293 -12.31 3.28 14.45
N LEU A 294 -11.06 3.75 14.33
N LEU A 294 -11.05 3.73 14.33
CA LEU A 294 -10.03 2.94 13.66
CA LEU A 294 -10.08 2.90 13.63
C LEU A 294 -9.81 1.64 14.42
C LEU A 294 -9.79 1.62 14.41
N ARG A 295 -9.67 1.72 15.74
CA ARG A 295 -9.55 0.51 16.56
C ARG A 295 -10.73 -0.45 16.32
N HIS A 296 -11.95 0.09 16.22
CA HIS A 296 -13.12 -0.76 15.99
C HIS A 296 -13.02 -1.54 14.69
N THR A 297 -12.54 -0.89 13.62
CA THR A 297 -12.45 -1.58 12.32
C THR A 297 -11.40 -2.68 12.32
N LEU A 298 -10.48 -2.68 13.27
CA LEU A 298 -9.43 -3.70 13.33
C LEU A 298 -9.73 -4.81 14.32
N LYS A 299 -10.90 -4.78 14.99
CA LYS A 299 -11.20 -5.75 16.06
C LYS A 299 -11.15 -7.18 15.56
N ASP A 300 -11.60 -7.42 14.32
CA ASP A 300 -11.67 -8.75 13.73
C ASP A 300 -10.60 -8.96 12.65
N VAL A 301 -9.52 -8.19 12.70
CA VAL A 301 -8.37 -8.37 11.79
C VAL A 301 -7.31 -9.07 12.63
N PRO A 302 -7.09 -10.38 12.46
CA PRO A 302 -6.21 -11.10 13.40
C PRO A 302 -4.73 -10.75 13.27
N ALA A 303 -4.24 -10.30 12.11
CA ALA A 303 -2.83 -9.92 11.95
C ALA A 303 -2.76 -8.40 11.72
N SER A 304 -2.38 -7.65 12.75
CA SER A 304 -2.36 -6.20 12.59
C SER A 304 -1.46 -5.53 13.62
N PHE A 305 -1.04 -4.29 13.31
CA PHE A 305 -0.12 -3.54 14.16
C PHE A 305 -0.58 -2.09 14.09
N ALA A 306 -1.15 -1.57 15.17
CA ALA A 306 -1.82 -0.26 15.11
C ALA A 306 -1.50 0.59 16.33
N PRO A 307 -0.36 1.30 16.30
CA PRO A 307 0.04 2.13 17.44
C PRO A 307 -0.66 3.49 17.51
N ALA A 308 -0.81 3.98 18.75
CA ALA A 308 -1.50 5.25 19.04
C ALA A 308 -0.53 6.43 18.84
N CYS A 309 -0.27 6.73 17.57
CA CYS A 309 0.67 7.78 17.18
C CYS A 309 0.07 8.63 16.07
N LEU A 310 0.46 9.92 16.09
CA LEU A 310 0.25 10.88 15.01
C LEU A 310 1.49 10.82 14.13
N SER A 311 1.38 10.19 12.97
CA SER A 311 2.56 9.99 12.14
C SER A 311 2.16 9.79 10.69
N HIS A 312 3.15 10.01 9.82
CA HIS A 312 3.12 9.57 8.42
C HIS A 312 4.32 8.67 8.10
N GLU A 313 5.05 8.20 9.11
CA GLU A 313 6.23 7.37 8.90
C GLU A 313 5.85 5.96 8.42
N ILE A 314 6.71 5.36 7.59
CA ILE A 314 6.37 4.12 6.87
C ILE A 314 7.46 3.07 7.07
N ILE A 315 7.14 1.81 6.67
CA ILE A 315 7.97 0.65 7.03
C ILE A 315 9.23 0.49 6.20
N ILE A 316 9.51 1.38 5.25
CA ILE A 316 10.82 1.40 4.62
C ILE A 316 11.76 2.42 5.27
N ARG A 317 11.42 2.95 6.44
CA ARG A 317 12.35 3.83 7.13
C ARG A 317 13.35 3.01 7.95
N SER A 318 14.58 3.54 8.07
CA SER A 318 15.65 2.72 8.65
C SER A 318 15.39 2.40 10.12
N HIS A 319 14.67 3.26 10.84
CA HIS A 319 14.44 3.03 12.27
C HIS A 319 13.09 2.39 12.55
N TRP A 320 12.57 1.62 11.57
CA TRP A 320 11.24 1.03 11.71
C TRP A 320 11.13 0.04 12.88
N THR A 321 12.24 -0.47 13.40
CA THR A 321 12.14 -1.46 14.49
C THR A 321 11.82 -0.84 15.85
N ASP A 322 11.90 0.49 15.99
CA ASP A 322 11.87 1.12 17.32
C ASP A 322 10.48 1.14 17.98
N VAL A 323 9.40 1.25 17.21
N VAL A 323 9.41 1.22 17.18
CA VAL A 323 8.06 1.36 17.79
CA VAL A 323 8.05 1.29 17.72
C VAL A 323 7.58 -0.01 18.24
C VAL A 323 7.64 -0.06 18.27
N GLN A 324 6.92 -0.05 19.39
CA GLN A 324 6.39 -1.28 20.00
C GLN A 324 4.93 -1.11 20.41
N VAL A 325 4.12 -2.18 20.29
CA VAL A 325 2.79 -2.22 20.88
C VAL A 325 2.77 -3.34 21.91
N LYS A 326 2.39 -3.01 23.16
CA LYS A 326 2.38 -3.99 24.26
C LYS A 326 3.73 -4.70 24.37
N GLY A 327 4.81 -3.95 24.12
CA GLY A 327 6.15 -4.49 24.20
C GLY A 327 6.65 -5.31 23.03
N THR A 328 5.91 -5.35 21.92
CA THR A 328 6.29 -6.13 20.73
C THR A 328 6.53 -5.23 19.52
N SER A 329 7.68 -5.39 18.88
CA SER A 329 7.97 -4.57 17.69
C SER A 329 7.29 -5.15 16.44
N LEU A 330 7.23 -4.34 15.39
CA LEU A 330 6.66 -4.84 14.13
C LEU A 330 7.48 -5.95 13.50
N PRO A 331 8.83 -5.88 13.45
CA PRO A 331 9.57 -7.03 12.92
C PRO A 331 9.26 -8.31 13.66
N ARG A 332 9.06 -8.24 14.99
CA ARG A 332 8.70 -9.45 15.73
C ARG A 332 7.30 -9.93 15.33
N ALA A 333 6.33 -9.01 15.28
CA ALA A 333 4.96 -9.38 14.93
C ALA A 333 4.90 -10.07 13.57
N LEU A 334 5.68 -9.54 12.60
CA LEU A 334 5.71 -10.14 11.27
C LEU A 334 6.31 -11.55 11.30
N HIS A 335 7.42 -11.73 12.04
CA HIS A 335 7.96 -13.08 12.28
C HIS A 335 6.93 -14.02 12.92
N CYS A 336 6.17 -13.54 13.91
CA CYS A 336 5.14 -14.39 14.51
C CYS A 336 4.04 -14.74 13.50
N TRP A 337 3.73 -13.80 12.61
CA TRP A 337 2.78 -14.05 11.53
C TRP A 337 3.28 -15.17 10.63
N ASP A 338 4.56 -15.12 10.24
CA ASP A 338 5.18 -16.21 9.50
C ASP A 338 4.99 -17.55 10.21
N ARG A 339 5.25 -17.59 11.51
CA ARG A 339 5.11 -18.86 12.24
C ARG A 339 3.67 -19.35 12.23
N SER A 340 2.72 -18.41 12.35
CA SER A 340 1.30 -18.75 12.38
C SER A 340 0.80 -19.32 11.06
N LEU A 341 1.50 -19.04 9.95
CA LEU A 341 1.14 -19.58 8.64
C LEU A 341 1.94 -20.83 8.24
N HIS A 342 2.78 -21.37 9.13
CA HIS A 342 3.32 -22.73 8.90
C HIS A 342 2.17 -23.74 8.73
N THR A 350 -3.87 -22.62 19.21
CA THR A 350 -3.37 -22.14 17.92
C THR A 350 -2.59 -20.80 17.98
N PRO A 351 -2.92 -19.85 18.86
CA PRO A 351 -2.01 -18.72 19.09
C PRO A 351 -0.71 -19.22 19.70
N LEU A 352 0.34 -18.43 19.50
CA LEU A 352 1.70 -18.80 19.87
C LEU A 352 2.09 -18.14 21.20
N LYS A 353 2.67 -18.94 22.11
CA LYS A 353 3.12 -18.44 23.42
C LYS A 353 4.14 -17.32 23.24
N GLY A 354 3.82 -16.12 23.73
CA GLY A 354 4.73 -14.99 23.62
C GLY A 354 5.07 -14.47 22.22
N CYS A 355 4.33 -14.90 21.20
CA CYS A 355 4.56 -14.46 19.81
C CYS A 355 3.24 -13.95 19.21
N PRO A 356 2.81 -12.76 19.60
CA PRO A 356 1.50 -12.25 19.17
C PRO A 356 1.51 -11.67 17.76
N VAL A 357 0.33 -11.70 17.13
CA VAL A 357 0.16 -11.14 15.80
C VAL A 357 -0.90 -10.05 15.73
N HIS A 358 -1.76 -9.90 16.77
CA HIS A 358 -2.82 -8.86 16.80
C HIS A 358 -2.45 -7.84 17.87
N LEU A 359 -1.93 -6.67 17.44
CA LEU A 359 -1.33 -5.66 18.33
C LEU A 359 -1.98 -4.30 18.05
N VAL A 360 -3.02 -3.96 18.81
CA VAL A 360 -3.71 -2.68 18.62
C VAL A 360 -3.66 -1.93 19.95
N ASP A 361 -3.16 -0.70 19.93
CA ASP A 361 -3.15 0.12 21.13
C ASP A 361 -4.57 0.47 21.58
N SER A 362 -4.75 0.60 22.89
CA SER A 362 -6.04 0.97 23.47
C SER A 362 -6.04 2.36 24.10
N CYS A 363 -4.89 3.00 24.26
CA CYS A 363 -4.89 4.34 24.84
C CYS A 363 -5.36 5.37 23.81
N PRO A 364 -5.97 6.48 24.25
CA PRO A 364 -6.86 7.23 23.35
C PRO A 364 -6.34 8.54 22.77
N TRP A 365 -5.03 8.84 22.86
CA TRP A 365 -4.47 10.13 22.39
C TRP A 365 -3.10 9.96 21.75
N PRO A 366 -2.78 10.72 20.68
CA PRO A 366 -1.44 10.60 20.07
C PRO A 366 -0.28 10.65 21.07
N HIS A 367 0.64 9.69 20.94
CA HIS A 367 1.83 9.57 21.77
C HIS A 367 1.52 9.13 23.20
N CYS A 368 0.32 8.58 23.45
CA CYS A 368 0.13 7.87 24.73
C CYS A 368 0.95 6.59 24.78
N ASN A 369 1.42 6.13 23.63
CA ASN A 369 2.46 5.10 23.53
C ASN A 369 3.82 5.79 23.54
N PRO A 370 4.70 5.49 24.50
CA PRO A 370 6.00 6.19 24.55
C PRO A 370 6.94 5.87 23.39
N SER A 371 6.74 4.77 22.65
CA SER A 371 7.65 4.39 21.56
C SER A 371 7.29 5.07 20.23
N CYS A 372 6.36 6.05 20.21
CA CYS A 372 5.95 6.67 18.95
C CYS A 372 7.13 7.39 18.28
N PRO A 373 7.12 7.48 16.94
CA PRO A 373 8.21 8.17 16.26
C PRO A 373 8.27 9.62 16.71
N THR A 374 9.49 10.12 16.85
CA THR A 374 9.72 11.43 17.43
C THR A 374 9.50 12.50 16.37
S SO4 B . 10.72 15.56 -9.86
O1 SO4 B . 10.15 14.27 -9.37
O2 SO4 B . 11.60 15.30 -11.00
O3 SO4 B . 9.61 16.46 -10.23
O4 SO4 B . 11.49 16.20 -8.81
C1 NAG C . 2.12 -6.43 -23.07
C2 NAG C . 1.67 -7.78 -23.61
C3 NAG C . 0.23 -7.71 -24.11
C4 NAG C . -0.69 -7.11 -23.04
C5 NAG C . -0.13 -5.79 -22.52
C6 NAG C . -0.92 -5.24 -21.36
C7 NAG C . 3.40 -9.24 -24.56
C8 NAG C . 4.23 -9.56 -25.77
N2 NAG C . 2.56 -8.21 -24.69
O3 NAG C . -0.19 -9.03 -24.41
O4 NAG C . -2.00 -6.90 -23.57
O5 NAG C . 1.22 -5.99 -22.06
O6 NAG C . -1.07 -6.23 -20.35
O7 NAG C . 3.48 -9.89 -23.52
S DMS D . -7.51 -12.29 5.48
O DMS D . -6.12 -12.26 6.08
C1 DMS D . -7.74 -13.85 4.58
C2 DMS D . -7.64 -11.04 4.16
S DMS E . 12.34 6.23 -8.71
O DMS E . 12.39 7.70 -8.41
C1 DMS E . 11.32 5.45 -7.45
C2 DMS E . 13.93 5.61 -8.17
S DMS F . 15.54 -13.76 7.24
O DMS F . 15.55 -13.38 5.79
C1 DMS F . 16.86 -15.00 7.40
C2 DMS F . 14.13 -14.88 7.55
S SO4 G . -7.91 13.87 -21.09
O1 SO4 G . -7.11 14.42 -20.01
O2 SO4 G . -7.41 12.50 -21.31
O3 SO4 G . -9.30 13.85 -20.67
O4 SO4 G . -7.72 14.68 -22.29
S SO4 H . 20.51 -8.28 -16.50
O1 SO4 H . 20.12 -9.47 -17.27
O2 SO4 H . 20.30 -8.54 -15.08
O3 SO4 H . 19.71 -7.14 -16.96
O4 SO4 H . 21.93 -8.00 -16.73
C10 JH7 I . -6.87 7.29 0.24
C13 JH7 I . -9.01 5.54 0.10
C01 JH7 I . -3.96 7.33 -1.75
N02 JH7 I . -3.56 7.13 -0.37
C03 JH7 I . -4.12 6.28 0.47
C04 JH7 I . -3.45 6.42 1.69
C05 JH7 I . -2.46 7.39 1.51
O06 JH7 I . -1.65 7.82 2.28
N07 JH7 I . -2.55 7.80 0.26
N08 JH7 I . -5.25 5.41 0.12
C09 JH7 I . -6.63 5.92 0.15
C11 JH7 I . -8.17 7.77 0.26
C12 JH7 I . -9.24 6.91 0.20
C14 JH7 I . -7.71 5.05 0.06
#